data_3VPD
#
_entry.id   3VPD
#
_cell.length_a   130.339
_cell.length_b   130.339
_cell.length_c   77.423
_cell.angle_alpha   90.00
_cell.angle_beta   90.00
_cell.angle_gamma   120.00
#
_symmetry.space_group_name_H-M   'P 31 2 1'
#
loop_
_entity.id
_entity.type
_entity.pdbx_description
1 polymer 'Ribosomal protein S6 modification protein'
2 non-polymer 'PHOSPHOAMINOPHOSPHONIC ACID-ADENYLATE ESTER'
3 non-polymer 'butanoic acid'
4 non-polymer 'CITRIC ACID'
5 water water
#
_entity_poly.entity_id   1
_entity_poly.type   'polypeptide(L)'
_entity_poly.pdbx_seq_one_letter_code
;MLAILYDRIRPDERMLFERAEALGLPYKKVYVPALPMVLGERPEALEGVTVALERCVSQSRGLAAARYLTALGIPVVNRP
EVIEACGDKWATSVALAKAGLPQPKTALATDREEALRLMEAFGYPVVLKPVIGSWGRLLAKVTDRAAAEALLEHKEVLGG
FQHQLFYIQEYVEKPGRDIRVFVVGERAIAAIYRRSAHWITNTARGGQAENCPLTEEIARLSVGAAEAVGGGVVAVDLFE
SERGLLVNEVNHTMEFKNSVHTTGVDIPGEILRYAWEVARG
;
_entity_poly.pdbx_strand_id   A,B
#
# COMPACT_ATOMS: atom_id res chain seq x y z
N MET A 1 -12.03 -21.77 -14.22
CA MET A 1 -12.84 -21.89 -13.00
C MET A 1 -12.70 -20.64 -12.08
N LEU A 2 -13.80 -20.24 -11.43
CA LEU A 2 -13.74 -19.12 -10.46
C LEU A 2 -13.25 -19.67 -9.10
N ALA A 3 -12.19 -19.08 -8.56
CA ALA A 3 -11.73 -19.39 -7.21
C ALA A 3 -12.23 -18.31 -6.26
N ILE A 4 -12.92 -18.71 -5.18
CA ILE A 4 -13.23 -17.77 -4.11
C ILE A 4 -12.18 -17.93 -3.00
N LEU A 5 -11.33 -16.91 -2.85
CA LEU A 5 -10.22 -16.97 -1.90
C LEU A 5 -10.75 -16.49 -0.55
N TYR A 6 -10.48 -17.25 0.50
CA TYR A 6 -11.03 -16.90 1.81
C TYR A 6 -10.12 -17.31 2.97
N ASP A 7 -10.34 -16.75 4.15
CA ASP A 7 -9.65 -17.24 5.35
C ASP A 7 -10.64 -17.63 6.44
N ARG A 8 -11.70 -16.85 6.62
CA ARG A 8 -12.83 -17.23 7.47
C ARG A 8 -14.12 -17.08 6.70
N ILE A 9 -14.92 -18.14 6.67
CA ILE A 9 -16.23 -18.11 6.01
C ILE A 9 -17.22 -17.29 6.84
N ARG A 10 -17.67 -16.17 6.28
CA ARG A 10 -18.77 -15.45 6.88
C ARG A 10 -20.04 -15.78 6.10
N PRO A 11 -21.22 -15.34 6.60
CA PRO A 11 -22.41 -15.57 5.79
C PRO A 11 -22.32 -14.97 4.39
N ASP A 12 -21.56 -13.90 4.22
CA ASP A 12 -21.37 -13.29 2.89
C ASP A 12 -20.76 -14.29 1.91
N GLU A 13 -19.72 -14.99 2.34
CA GLU A 13 -19.10 -16.02 1.49
C GLU A 13 -20.03 -17.20 1.19
N ARG A 14 -20.81 -17.63 2.18
CA ARG A 14 -21.82 -18.69 1.97
C ARG A 14 -22.82 -18.31 0.89
N MET A 15 -23.26 -17.05 0.89
CA MET A 15 -24.14 -16.55 -0.13
C MET A 15 -23.51 -16.53 -1.50
N LEU A 16 -22.23 -16.21 -1.55
CA LEU A 16 -21.49 -16.25 -2.80
C LEU A 16 -21.44 -17.68 -3.40
N PHE A 17 -21.16 -18.67 -2.56
CA PHE A 17 -21.16 -20.09 -2.97
C PHE A 17 -22.53 -20.51 -3.56
N GLU A 18 -23.59 -20.22 -2.80
CA GLU A 18 -24.98 -20.47 -3.25
C GLU A 18 -25.29 -19.83 -4.62
N ARG A 19 -24.97 -18.55 -4.80
CA ARG A 19 -25.31 -17.93 -6.09
C ARG A 19 -24.47 -18.49 -7.22
N ALA A 20 -23.22 -18.84 -6.94
CA ALA A 20 -22.39 -19.39 -8.01
C ALA A 20 -23.00 -20.71 -8.55
N GLU A 21 -23.51 -21.55 -7.64
CA GLU A 21 -24.17 -22.81 -8.03
CA GLU A 21 -24.16 -22.80 -8.04
C GLU A 21 -25.46 -22.54 -8.79
N ALA A 22 -26.29 -21.63 -8.25
CA ALA A 22 -27.56 -21.30 -8.89
C ALA A 22 -27.28 -20.75 -10.27
N LEU A 23 -26.17 -20.04 -10.43
CA LEU A 23 -25.86 -19.45 -11.71
C LEU A 23 -25.17 -20.41 -12.70
N GLY A 24 -24.83 -21.62 -12.25
CA GLY A 24 -24.07 -22.56 -13.07
C GLY A 24 -22.67 -22.08 -13.44
N LEU A 25 -22.03 -21.39 -12.49
CA LEU A 25 -20.69 -20.87 -12.67
C LEU A 25 -19.71 -21.91 -12.16
N PRO A 26 -18.73 -22.33 -12.97
CA PRO A 26 -17.77 -23.29 -12.40
C PRO A 26 -16.87 -22.57 -11.39
N TYR A 27 -16.92 -22.99 -10.15
CA TYR A 27 -16.19 -22.32 -9.08
C TYR A 27 -15.67 -23.34 -8.06
N LYS A 28 -14.71 -22.89 -7.23
CA LYS A 28 -14.18 -23.63 -6.10
C LYS A 28 -13.71 -22.66 -5.00
N LYS A 29 -13.69 -23.11 -3.76
CA LYS A 29 -13.18 -22.25 -2.70
C LYS A 29 -11.72 -22.56 -2.42
N VAL A 30 -10.96 -21.52 -2.09
CA VAL A 30 -9.52 -21.67 -1.87
C VAL A 30 -9.20 -21.05 -0.51
N TYR A 31 -8.77 -21.89 0.41
CA TYR A 31 -8.46 -21.48 1.77
C TYR A 31 -7.06 -20.87 1.77
N VAL A 32 -6.97 -19.54 1.81
CA VAL A 32 -5.68 -18.86 1.60
C VAL A 32 -4.57 -19.21 2.63
N PRO A 33 -4.94 -19.42 3.91
CA PRO A 33 -3.90 -19.80 4.87
C PRO A 33 -3.12 -21.09 4.53
N ALA A 34 -3.73 -22.01 3.79
CA ALA A 34 -3.07 -23.25 3.39
C ALA A 34 -2.41 -23.15 2.03
N LEU A 35 -2.58 -22.02 1.34
CA LEU A 35 -2.09 -21.85 -0.02
C LEU A 35 -0.58 -21.54 -0.07
N PRO A 36 0.22 -22.43 -0.70
CA PRO A 36 1.63 -22.11 -0.88
C PRO A 36 1.75 -21.13 -2.03
N MET A 37 2.42 -20.02 -1.77
CA MET A 37 2.52 -18.98 -2.78
C MET A 37 3.97 -18.87 -3.22
N VAL A 38 4.41 -19.82 -4.05
CA VAL A 38 5.77 -19.79 -4.56
C VAL A 38 5.74 -19.11 -5.91
N LEU A 39 6.56 -18.08 -6.08
CA LEU A 39 6.67 -17.39 -7.35
C LEU A 39 7.30 -18.31 -8.39
N GLY A 40 6.64 -18.37 -9.54
CA GLY A 40 7.05 -19.24 -10.64
C GLY A 40 6.46 -20.64 -10.56
N GLU A 41 5.62 -20.91 -9.56
CA GLU A 41 5.12 -22.26 -9.34
C GLU A 41 3.64 -22.26 -8.91
N ARG A 42 2.74 -22.55 -9.86
CA ARG A 42 1.30 -22.55 -9.56
C ARG A 42 1.00 -23.68 -8.59
N PRO A 43 0.37 -23.38 -7.44
CA PRO A 43 0.06 -24.45 -6.48
C PRO A 43 -1.12 -25.28 -7.00
N GLU A 44 -1.29 -26.46 -6.41
CA GLU A 44 -2.28 -27.42 -6.86
C GLU A 44 -3.68 -26.81 -6.81
N ALA A 45 -3.95 -26.07 -5.73
CA ALA A 45 -5.26 -25.48 -5.51
C ALA A 45 -5.67 -24.47 -6.58
N LEU A 46 -4.71 -23.92 -7.31
CA LEU A 46 -5.03 -22.94 -8.36
C LEU A 46 -4.95 -23.46 -9.80
N GLU A 47 -4.65 -24.75 -10.00
CA GLU A 47 -4.63 -25.33 -11.37
C GLU A 47 -6.05 -25.24 -11.94
N GLY A 48 -6.18 -24.74 -13.15
CA GLY A 48 -7.49 -24.64 -13.78
C GLY A 48 -8.25 -23.36 -13.41
N VAL A 49 -7.71 -22.59 -12.44
CA VAL A 49 -8.40 -21.39 -11.98
C VAL A 49 -8.21 -20.34 -13.05
N THR A 50 -9.32 -19.72 -13.40
CA THR A 50 -9.35 -18.77 -14.49
C THR A 50 -9.66 -17.32 -14.03
N VAL A 51 -10.21 -17.17 -12.84
CA VAL A 51 -10.46 -15.82 -12.27
C VAL A 51 -10.67 -16.01 -10.78
N ALA A 52 -10.40 -14.97 -9.98
CA ALA A 52 -10.51 -15.17 -8.55
C ALA A 52 -11.20 -14.00 -7.91
N LEU A 53 -11.95 -14.31 -6.87
CA LEU A 53 -12.67 -13.31 -6.09
C LEU A 53 -11.98 -13.33 -4.71
N GLU A 54 -11.45 -12.18 -4.30
CA GLU A 54 -10.62 -12.08 -3.09
C GLU A 54 -11.56 -11.73 -1.91
N ARG A 55 -11.79 -12.68 -1.01
CA ARG A 55 -12.77 -12.50 0.04
C ARG A 55 -12.22 -12.71 1.45
N CYS A 56 -10.91 -12.60 1.61
CA CYS A 56 -10.30 -12.78 2.94
C CYS A 56 -10.75 -11.68 3.91
N VAL A 57 -10.92 -12.06 5.16
CA VAL A 57 -11.20 -11.10 6.21
C VAL A 57 -9.95 -10.27 6.51
N SER A 58 -8.79 -10.93 6.57
CA SER A 58 -7.54 -10.24 6.81
C SER A 58 -7.16 -9.52 5.50
N GLN A 59 -7.07 -8.20 5.54
CA GLN A 59 -6.68 -7.50 4.33
C GLN A 59 -5.20 -7.63 4.00
N SER A 60 -4.32 -7.86 4.97
CA SER A 60 -2.95 -8.11 4.57
C SER A 60 -2.80 -9.49 3.89
N ARG A 61 -3.54 -10.48 4.35
CA ARG A 61 -3.57 -11.78 3.66
C ARG A 61 -4.21 -11.64 2.26
N GLY A 62 -5.36 -11.00 2.22
CA GLY A 62 -6.09 -10.77 0.96
C GLY A 62 -5.23 -10.08 -0.08
N LEU A 63 -4.55 -9.01 0.31
CA LEU A 63 -3.68 -8.28 -0.60
C LEU A 63 -2.49 -9.13 -1.07
N ALA A 64 -1.86 -9.88 -0.16
CA ALA A 64 -0.69 -10.74 -0.53
C ALA A 64 -1.15 -11.77 -1.57
N ALA A 65 -2.33 -12.32 -1.33
CA ALA A 65 -2.90 -13.33 -2.22
C ALA A 65 -3.30 -12.73 -3.59
N ALA A 66 -3.91 -11.55 -3.56
CA ALA A 66 -4.22 -10.84 -4.83
C ALA A 66 -2.97 -10.62 -5.64
N ARG A 67 -1.91 -10.12 -4.98
CA ARG A 67 -0.62 -9.92 -5.64
C ARG A 67 -0.11 -11.20 -6.29
N TYR A 68 -0.13 -12.30 -5.53
CA TYR A 68 0.24 -13.62 -6.02
C TYR A 68 -0.51 -14.06 -7.28
N LEU A 69 -1.83 -13.95 -7.26
CA LEU A 69 -2.64 -14.28 -8.43
C LEU A 69 -2.21 -13.47 -9.65
N THR A 70 -1.85 -12.20 -9.49
CA THR A 70 -1.40 -11.37 -10.62
C THR A 70 -0.07 -11.88 -11.18
N ALA A 71 0.79 -12.39 -10.29
CA ALA A 71 2.05 -13.01 -10.68
C ALA A 71 1.80 -14.29 -11.49
N LEU A 72 0.69 -14.98 -11.24
CA LEU A 72 0.36 -16.20 -11.98
C LEU A 72 -0.43 -15.88 -13.25
N GLY A 73 -0.77 -14.62 -13.47
CA GLY A 73 -1.57 -14.23 -14.62
C GLY A 73 -3.05 -14.54 -14.49
N ILE A 74 -3.54 -14.72 -13.27
CA ILE A 74 -4.94 -14.98 -13.04
C ILE A 74 -5.61 -13.66 -12.61
N PRO A 75 -6.62 -13.19 -13.38
CA PRO A 75 -7.37 -11.99 -12.96
C PRO A 75 -8.00 -12.16 -11.59
N VAL A 76 -7.92 -11.11 -10.78
CA VAL A 76 -8.47 -11.14 -9.41
C VAL A 76 -9.31 -9.88 -9.16
N VAL A 77 -10.45 -10.08 -8.52
CA VAL A 77 -11.35 -8.99 -8.11
C VAL A 77 -11.31 -8.92 -6.59
N ASN A 78 -10.81 -7.83 -6.00
CA ASN A 78 -10.25 -6.68 -6.65
C ASN A 78 -8.78 -6.85 -6.95
N ARG A 79 -8.29 -6.04 -7.89
CA ARG A 79 -6.88 -5.93 -8.21
C ARG A 79 -6.13 -5.45 -6.97
N PRO A 80 -4.85 -5.83 -6.82
CA PRO A 80 -4.05 -5.35 -5.65
C PRO A 80 -4.03 -3.84 -5.52
N GLU A 81 -3.96 -3.11 -6.65
CA GLU A 81 -3.92 -1.63 -6.66
C GLU A 81 -5.16 -1.04 -5.97
N VAL A 82 -6.30 -1.67 -6.21
CA VAL A 82 -7.55 -1.27 -5.57
C VAL A 82 -7.54 -1.59 -4.09
N ILE A 83 -7.18 -2.83 -3.75
CA ILE A 83 -7.08 -3.22 -2.33
C ILE A 83 -6.13 -2.28 -1.54
N GLU A 84 -4.96 -1.99 -2.12
CA GLU A 84 -3.98 -1.09 -1.48
C GLU A 84 -4.53 0.32 -1.29
N ALA A 85 -5.19 0.85 -2.31
CA ALA A 85 -5.74 2.20 -2.25
C ALA A 85 -6.87 2.30 -1.22
N CYS A 86 -7.74 1.29 -1.19
CA CYS A 86 -8.86 1.25 -0.23
C CYS A 86 -8.43 0.99 1.21
N GLY A 87 -7.33 0.29 1.37
CA GLY A 87 -6.86 -0.14 2.69
C GLY A 87 -6.09 0.91 3.46
N ASP A 88 -5.75 2.01 2.79
CA ASP A 88 -5.00 3.11 3.43
C ASP A 88 -5.90 4.35 3.35
N LYS A 89 -6.36 4.88 4.48
CA LYS A 89 -7.30 6.01 4.43
C LYS A 89 -6.71 7.27 3.80
N TRP A 90 -5.40 7.49 3.96
CA TRP A 90 -4.75 8.68 3.37
C TRP A 90 -4.68 8.48 1.85
N ALA A 91 -4.34 7.28 1.41
CA ALA A 91 -4.34 6.99 -0.04
C ALA A 91 -5.71 7.18 -0.63
N THR A 92 -6.75 6.77 0.10
CA THR A 92 -8.13 6.94 -0.36
C THR A 92 -8.46 8.42 -0.44
N SER A 93 -8.22 9.17 0.64
CA SER A 93 -8.57 10.58 0.65
C SER A 93 -7.81 11.35 -0.42
N VAL A 94 -6.54 11.01 -0.59
CA VAL A 94 -5.74 11.63 -1.67
C VAL A 94 -6.40 11.40 -3.06
N ALA A 95 -6.77 10.15 -3.31
CA ALA A 95 -7.45 9.75 -4.56
C ALA A 95 -8.75 10.50 -4.75
N LEU A 96 -9.54 10.67 -3.68
CA LEU A 96 -10.79 11.43 -3.78
C LEU A 96 -10.55 12.93 -4.06
N ALA A 97 -9.55 13.51 -3.39
CA ALA A 97 -9.18 14.92 -3.64
C ALA A 97 -8.77 15.12 -5.13
N LYS A 98 -7.91 14.24 -5.65
CA LYS A 98 -7.53 14.26 -7.08
C LYS A 98 -8.71 14.16 -8.03
N ALA A 99 -9.66 13.28 -7.70
CA ALA A 99 -10.88 13.14 -8.51
C ALA A 99 -11.82 14.33 -8.37
N GLY A 100 -11.54 15.21 -7.41
CA GLY A 100 -12.39 16.35 -7.16
C GLY A 100 -13.73 16.00 -6.54
N LEU A 101 -13.77 14.88 -5.81
CA LEU A 101 -14.97 14.42 -5.11
C LEU A 101 -15.10 15.10 -3.74
N PRO A 102 -16.35 15.38 -3.30
CA PRO A 102 -16.53 16.06 -2.01
C PRO A 102 -16.19 15.07 -0.88
N GLN A 103 -15.47 15.57 0.12
CA GLN A 103 -15.08 14.79 1.29
C GLN A 103 -14.98 15.75 2.51
N PRO A 104 -15.06 15.19 3.74
CA PRO A 104 -14.79 15.99 4.95
C PRO A 104 -13.40 16.60 4.87
N LYS A 105 -13.20 17.77 5.50
CA LYS A 105 -11.85 18.32 5.58
C LYS A 105 -10.94 17.31 6.25
N THR A 106 -9.80 17.04 5.63
CA THR A 106 -8.97 15.90 6.00
C THR A 106 -7.52 16.32 5.95
N ALA A 107 -6.75 15.87 6.94
CA ALA A 107 -5.37 16.22 7.02
C ALA A 107 -4.55 15.11 7.64
N LEU A 108 -3.24 15.14 7.37
CA LEU A 108 -2.36 14.14 7.92
C LEU A 108 -1.21 14.79 8.65
N ALA A 109 -1.00 14.35 9.89
CA ALA A 109 0.18 14.74 10.66
C ALA A 109 1.09 13.55 10.79
N THR A 110 2.40 13.82 10.81
CA THR A 110 3.37 12.74 11.00
C THR A 110 4.13 12.87 12.32
N ASP A 111 3.67 13.75 13.20
CA ASP A 111 4.16 13.77 14.59
C ASP A 111 3.13 14.39 15.51
N ARG A 112 3.30 14.16 16.81
CA ARG A 112 2.36 14.55 17.86
C ARG A 112 2.06 16.05 17.83
N GLU A 113 3.10 16.85 17.69
CA GLU A 113 2.97 18.31 17.68
C GLU A 113 2.10 18.82 16.52
N GLU A 114 2.35 18.36 15.30
CA GLU A 114 1.49 18.72 14.15
C GLU A 114 0.06 18.21 14.35
N ALA A 115 -0.09 16.99 14.87
CA ALA A 115 -1.42 16.42 15.12
C ALA A 115 -2.24 17.26 16.09
N LEU A 116 -1.61 17.72 17.18
CA LEU A 116 -2.28 18.62 18.12
C LEU A 116 -2.66 19.96 17.49
N ARG A 117 -1.71 20.57 16.78
CA ARG A 117 -1.98 21.82 16.07
C ARG A 117 -3.23 21.69 15.18
N LEU A 118 -3.30 20.59 14.42
CA LEU A 118 -4.38 20.43 13.46
C LEU A 118 -5.69 20.31 14.19
N MET A 119 -5.73 19.51 15.25
CA MET A 119 -6.99 19.28 15.97
C MET A 119 -7.49 20.60 16.56
N GLU A 120 -6.56 21.37 17.13
CA GLU A 120 -6.87 22.72 17.66
C GLU A 120 -7.40 23.63 16.54
N ALA A 121 -6.73 23.62 15.39
CA ALA A 121 -7.14 24.41 14.20
C ALA A 121 -8.49 23.97 13.62
N PHE A 122 -8.76 22.66 13.59
CA PHE A 122 -10.06 22.16 13.13
C PHE A 122 -11.13 22.52 14.15
N GLY A 123 -10.77 22.45 15.43
CA GLY A 123 -11.69 22.74 16.53
C GLY A 123 -12.41 21.47 16.94
N TYR A 124 -12.68 21.34 18.25
CA TYR A 124 -13.36 20.16 18.77
C TYR A 124 -14.87 20.28 18.59
N PRO A 125 -15.58 19.14 18.37
CA PRO A 125 -15.03 17.80 18.19
C PRO A 125 -14.36 17.61 16.84
N VAL A 126 -13.41 16.69 16.81
CA VAL A 126 -12.67 16.39 15.60
C VAL A 126 -12.41 14.87 15.61
N VAL A 127 -12.27 14.27 14.42
CA VAL A 127 -12.12 12.82 14.33
C VAL A 127 -10.67 12.45 14.09
N LEU A 128 -10.21 11.46 14.84
CA LEU A 128 -8.89 10.93 14.66
C LEU A 128 -9.01 9.46 14.27
N LYS A 129 -8.31 9.05 13.21
CA LYS A 129 -8.41 7.68 12.68
C LYS A 129 -7.01 7.12 12.45
N PRO A 130 -6.85 5.78 12.52
CA PRO A 130 -5.61 5.17 12.08
C PRO A 130 -5.62 5.17 10.55
N VAL A 131 -4.47 5.28 9.90
CA VAL A 131 -4.45 5.25 8.43
C VAL A 131 -4.78 3.86 7.87
N ILE A 132 -4.41 2.82 8.60
CA ILE A 132 -4.68 1.44 8.21
C ILE A 132 -5.48 0.75 9.32
N GLY A 133 -6.51 0.00 8.92
CA GLY A 133 -7.41 -0.69 9.83
C GLY A 133 -8.80 -0.74 9.21
N SER A 134 -9.65 -1.64 9.68
CA SER A 134 -10.98 -1.75 9.07
C SER A 134 -12.04 -2.14 10.09
N TRP A 135 -13.31 -2.05 9.66
CA TRP A 135 -14.47 -2.31 10.53
C TRP A 135 -14.54 -1.27 11.64
N GLY A 136 -14.28 -0.02 11.29
CA GLY A 136 -14.29 1.08 12.27
C GLY A 136 -13.38 0.87 13.48
N ARG A 137 -12.22 0.27 13.26
CA ARG A 137 -11.25 0.05 14.34
C ARG A 137 -10.49 1.31 14.72
N LEU A 138 -10.40 1.53 16.03
CA LEU A 138 -9.59 2.60 16.62
C LEU A 138 -9.97 4.02 16.20
N LEU A 139 -11.22 4.26 15.84
CA LEU A 139 -11.65 5.61 15.52
C LEU A 139 -11.92 6.35 16.82
N ALA A 140 -11.67 7.66 16.84
CA ALA A 140 -11.92 8.42 18.04
C ALA A 140 -12.61 9.72 17.68
N LYS A 141 -13.72 9.98 18.37
CA LYS A 141 -14.28 11.31 18.38
C LYS A 141 -13.66 12.06 19.56
N VAL A 142 -12.81 13.03 19.21
CA VAL A 142 -12.03 13.76 20.19
C VAL A 142 -12.67 15.12 20.52
N THR A 143 -13.04 15.31 21.78
CA THR A 143 -13.87 16.45 22.17
C THR A 143 -13.13 17.57 22.92
N ASP A 144 -11.90 17.31 23.34
CA ASP A 144 -11.07 18.34 23.98
C ASP A 144 -9.58 17.98 23.94
N ARG A 145 -8.74 18.96 24.25
CA ARG A 145 -7.28 18.83 24.17
C ARG A 145 -6.67 17.71 25.01
N ALA A 146 -7.23 17.44 26.18
CA ALA A 146 -6.71 16.40 27.04
C ALA A 146 -7.06 14.99 26.55
N ALA A 147 -8.26 14.82 25.99
CA ALA A 147 -8.56 13.58 25.29
C ALA A 147 -7.58 13.41 24.11
N ALA A 148 -7.29 14.49 23.40
CA ALA A 148 -6.35 14.48 22.26
C ALA A 148 -4.97 14.05 22.68
N GLU A 149 -4.42 14.73 23.69
CA GLU A 149 -3.10 14.38 24.21
C GLU A 149 -2.99 12.91 24.66
N ALA A 150 -4.04 12.39 25.29
CA ALA A 150 -4.01 11.02 25.81
C ALA A 150 -4.08 9.97 24.68
N LEU A 151 -4.95 10.21 23.69
CA LEU A 151 -5.02 9.33 22.50
C LEU A 151 -3.70 9.28 21.75
N LEU A 152 -3.10 10.45 21.50
CA LEU A 152 -1.80 10.50 20.81
C LEU A 152 -0.70 9.80 21.60
N GLU A 153 -0.77 9.91 22.92
CA GLU A 153 0.22 9.20 23.72
C GLU A 153 0.04 7.69 23.64
N HIS A 154 -1.20 7.21 23.62
CA HIS A 154 -1.41 5.77 23.49
C HIS A 154 -0.95 5.23 22.13
N LYS A 155 -1.20 6.02 21.07
CA LYS A 155 -0.71 5.70 19.73
C LYS A 155 0.81 5.62 19.71
N GLU A 156 1.48 6.62 20.26
CA GLU A 156 2.95 6.65 20.23
C GLU A 156 3.57 5.56 21.09
N VAL A 157 3.07 5.40 22.30
CA VAL A 157 3.67 4.44 23.23
C VAL A 157 3.35 2.99 22.88
N LEU A 158 2.10 2.71 22.51
CA LEU A 158 1.65 1.33 22.27
C LEU A 158 1.60 0.89 20.80
N GLY A 159 1.47 1.84 19.89
CA GLY A 159 1.24 1.51 18.47
C GLY A 159 2.54 1.28 17.71
N GLY A 160 2.47 0.45 16.66
CA GLY A 160 3.57 0.29 15.70
C GLY A 160 3.71 1.50 14.77
N PHE A 161 4.61 1.40 13.79
CA PHE A 161 4.94 2.50 12.85
C PHE A 161 3.71 3.16 12.19
N GLN A 162 2.74 2.31 11.81
CA GLN A 162 1.53 2.74 11.15
C GLN A 162 0.74 3.74 11.98
N HIS A 163 0.71 3.52 13.29
CA HIS A 163 -0.06 4.39 14.20
C HIS A 163 0.58 5.76 14.50
N GLN A 164 1.75 5.98 13.88
CA GLN A 164 2.54 7.22 13.99
C GLN A 164 2.24 8.22 12.87
N LEU A 165 1.27 7.87 12.02
CA LEU A 165 0.70 8.82 11.06
C LEU A 165 -0.68 9.10 11.59
N PHE A 166 -1.03 10.37 11.73
CA PHE A 166 -2.28 10.74 12.40
C PHE A 166 -3.24 11.34 11.41
N TYR A 167 -4.34 10.65 11.19
CA TYR A 167 -5.30 11.05 10.18
C TYR A 167 -6.42 11.83 10.88
N ILE A 168 -6.49 13.13 10.59
CA ILE A 168 -7.35 14.06 11.29
C ILE A 168 -8.47 14.54 10.35
N GLN A 169 -9.69 14.47 10.82
CA GLN A 169 -10.81 14.80 9.96
C GLN A 169 -11.83 15.61 10.71
N GLU A 170 -12.41 16.58 10.02
CA GLU A 170 -13.51 17.33 10.61
C GLU A 170 -14.60 16.37 11.09
N TYR A 171 -15.20 16.67 12.24
CA TYR A 171 -16.31 15.87 12.72
C TYR A 171 -17.51 16.35 11.96
N VAL A 172 -18.20 15.44 11.30
CA VAL A 172 -19.33 15.80 10.45
C VAL A 172 -20.60 15.51 11.23
N GLU A 173 -21.45 16.52 11.39
CA GLU A 173 -22.76 16.34 12.05
C GLU A 173 -23.71 15.63 11.09
N LYS A 174 -23.96 14.35 11.34
CA LYS A 174 -24.79 13.51 10.44
C LYS A 174 -26.24 13.48 10.95
N PRO A 175 -27.21 13.19 10.07
CA PRO A 175 -28.58 13.09 10.61
C PRO A 175 -28.92 11.67 11.14
N GLY A 176 -28.13 11.21 12.12
CA GLY A 176 -28.38 9.91 12.79
C GLY A 176 -28.16 8.67 11.93
N ARG A 177 -27.39 8.81 10.85
CA ARG A 177 -27.19 7.70 9.92
C ARG A 177 -26.05 8.04 8.96
N ASP A 178 -25.57 7.03 8.24
CA ASP A 178 -24.77 7.27 7.04
C ASP A 178 -25.25 6.41 5.86
N ILE A 179 -24.68 6.63 4.68
CA ILE A 179 -25.08 5.89 3.47
C ILE A 179 -23.96 4.91 3.06
N ARG A 180 -24.30 3.64 2.78
CA ARG A 180 -23.36 2.73 2.12
C ARG A 180 -23.91 2.34 0.74
N VAL A 181 -23.09 2.49 -0.29
CA VAL A 181 -23.50 2.19 -1.68
C VAL A 181 -22.64 1.06 -2.21
N PHE A 182 -23.31 0.05 -2.78
CA PHE A 182 -22.63 -1.09 -3.40
C PHE A 182 -22.38 -0.80 -4.88
N VAL A 183 -21.11 -0.75 -5.25
CA VAL A 183 -20.77 -0.40 -6.61
C VAL A 183 -20.10 -1.62 -7.27
N VAL A 184 -20.62 -2.00 -8.44
CA VAL A 184 -20.05 -3.10 -9.25
C VAL A 184 -19.69 -2.51 -10.61
N GLY A 185 -18.39 -2.30 -10.82
CA GLY A 185 -17.91 -1.67 -12.06
C GLY A 185 -18.40 -0.24 -12.19
N GLU A 186 -19.05 0.10 -13.30
CA GLU A 186 -19.55 1.48 -13.44
C GLU A 186 -21.01 1.66 -12.97
N ARG A 187 -21.54 0.70 -12.21
CA ARG A 187 -22.92 0.82 -11.73
C ARG A 187 -23.02 0.82 -10.22
N ALA A 188 -23.80 1.76 -9.67
CA ALA A 188 -24.27 1.63 -8.29
C ALA A 188 -25.50 0.73 -8.36
N ILE A 189 -25.45 -0.40 -7.67
CA ILE A 189 -26.51 -1.41 -7.75
C ILE A 189 -27.50 -1.35 -6.61
N ALA A 190 -27.09 -0.77 -5.47
CA ALA A 190 -27.92 -0.78 -4.27
C ALA A 190 -27.27 0.12 -3.21
N ALA A 191 -28.08 0.57 -2.26
CA ALA A 191 -27.57 1.36 -1.16
C ALA A 191 -28.41 1.17 0.08
N ILE A 192 -27.79 1.41 1.24
CA ILE A 192 -28.48 1.35 2.54
C ILE A 192 -28.21 2.61 3.38
N TYR A 193 -29.21 2.95 4.22
CA TYR A 193 -29.00 3.88 5.31
C TYR A 193 -28.62 3.04 6.49
N ARG A 194 -27.56 3.43 7.19
CA ARG A 194 -27.19 2.78 8.45
C ARG A 194 -27.48 3.74 9.60
N ARG A 195 -28.54 3.45 10.33
CA ARG A 195 -29.08 4.37 11.33
C ARG A 195 -28.61 3.95 12.72
N SER A 196 -28.17 4.92 13.51
CA SER A 196 -27.75 4.68 14.89
C SER A 196 -27.64 5.98 15.67
N ALA A 197 -27.83 5.87 16.99
CA ALA A 197 -27.59 6.96 17.92
C ALA A 197 -26.08 7.14 18.17
N HIS A 198 -25.30 6.09 17.92
CA HIS A 198 -23.84 6.15 18.06
C HIS A 198 -23.24 6.73 16.77
N TRP A 199 -22.21 7.57 16.89
CA TRP A 199 -21.60 8.18 15.68
C TRP A 199 -21.01 7.12 14.74
N ILE A 200 -20.51 6.01 15.29
CA ILE A 200 -20.18 4.80 14.52
C ILE A 200 -21.47 3.98 14.29
N THR A 201 -21.93 3.92 13.04
CA THR A 201 -23.30 3.50 12.70
C THR A 201 -23.54 2.00 12.51
N ASN A 202 -22.48 1.19 12.67
CA ASN A 202 -22.56 -0.26 12.45
C ASN A 202 -23.60 -1.00 13.31
N THR A 203 -23.96 -2.20 12.87
CA THR A 203 -24.95 -3.04 13.56
C THR A 203 -24.61 -3.23 15.04
N ALA A 204 -23.32 -3.46 15.32
CA ALA A 204 -22.85 -3.86 16.65
C ALA A 204 -23.00 -2.79 17.73
N ARG A 205 -23.07 -1.52 17.34
CA ARG A 205 -23.21 -0.45 18.32
C ARG A 205 -24.68 0.00 18.47
N GLY A 206 -25.60 -0.93 18.25
CA GLY A 206 -27.04 -0.69 18.40
C GLY A 206 -27.70 -0.03 17.20
N GLY A 207 -27.14 -0.24 16.01
CA GLY A 207 -27.65 0.36 14.79
C GLY A 207 -28.55 -0.53 13.94
N GLN A 208 -29.40 0.11 13.14
CA GLN A 208 -30.29 -0.59 12.20
C GLN A 208 -30.05 -0.11 10.74
N ALA A 209 -30.74 -0.72 9.77
CA ALA A 209 -30.50 -0.37 8.35
C ALA A 209 -31.74 -0.44 7.50
N GLU A 210 -31.86 0.49 6.57
CA GLU A 210 -32.94 0.41 5.59
C GLU A 210 -32.46 0.76 4.20
N ASN A 211 -33.31 0.46 3.22
CA ASN A 211 -33.00 0.73 1.85
C ASN A 211 -32.75 2.21 1.64
N CYS A 212 -31.70 2.54 0.89
CA CYS A 212 -31.46 3.92 0.50
C CYS A 212 -31.68 3.99 -1.01
N PRO A 213 -32.76 4.64 -1.45
CA PRO A 213 -32.98 4.68 -2.90
C PRO A 213 -31.81 5.36 -3.58
N LEU A 214 -31.41 4.85 -4.74
CA LEU A 214 -30.36 5.50 -5.51
C LEU A 214 -30.88 6.80 -6.10
N THR A 215 -30.16 7.90 -5.87
CA THR A 215 -30.48 9.19 -6.47
C THR A 215 -29.39 9.42 -7.47
N GLU A 216 -29.58 10.37 -8.38
CA GLU A 216 -28.54 10.65 -9.35
C GLU A 216 -27.23 11.05 -8.68
N GLU A 217 -27.31 11.84 -7.62
CA GLU A 217 -26.09 12.29 -6.95
C GLU A 217 -25.39 11.15 -6.22
N ILE A 218 -26.17 10.30 -5.54
CA ILE A 218 -25.60 9.16 -4.80
C ILE A 218 -24.88 8.20 -5.77
N ALA A 219 -25.51 7.91 -6.90
CA ALA A 219 -24.89 7.03 -7.90
C ALA A 219 -23.65 7.63 -8.54
N ARG A 220 -23.71 8.91 -8.92
CA ARG A 220 -22.60 9.61 -9.55
C ARG A 220 -21.39 9.64 -8.60
N LEU A 221 -21.64 10.00 -7.33
CA LEU A 221 -20.53 10.13 -6.36
C LEU A 221 -19.87 8.79 -6.05
N SER A 222 -20.72 7.79 -5.86
CA SER A 222 -20.26 6.45 -5.49
C SER A 222 -19.43 5.83 -6.62
N VAL A 223 -19.95 5.90 -7.85
CA VAL A 223 -19.19 5.36 -8.98
C VAL A 223 -17.90 6.14 -9.19
N GLY A 224 -17.96 7.46 -9.01
CA GLY A 224 -16.76 8.31 -9.12
C GLY A 224 -15.71 7.95 -8.07
N ALA A 225 -16.15 7.73 -6.82
CA ALA A 225 -15.23 7.26 -5.76
C ALA A 225 -14.64 5.89 -6.11
N ALA A 226 -15.49 4.99 -6.56
CA ALA A 226 -15.00 3.70 -7.06
C ALA A 226 -13.93 3.85 -8.15
N GLU A 227 -14.16 4.72 -9.14
CA GLU A 227 -13.14 4.95 -10.20
C GLU A 227 -11.85 5.56 -9.67
N ALA A 228 -12.00 6.52 -8.74
CA ALA A 228 -10.87 7.16 -8.07
C ALA A 228 -9.89 6.18 -7.45
N VAL A 229 -10.40 5.09 -6.89
CA VAL A 229 -9.47 4.14 -6.23
C VAL A 229 -9.05 2.99 -7.14
N GLY A 230 -9.49 3.02 -8.39
CA GLY A 230 -9.01 2.07 -9.41
C GLY A 230 -10.09 1.14 -9.94
N GLY A 231 -11.33 1.34 -9.51
CA GLY A 231 -12.49 0.58 -10.05
C GLY A 231 -12.76 -0.76 -9.38
N GLY A 232 -13.60 -1.59 -9.99
CA GLY A 232 -13.87 -2.89 -9.44
C GLY A 232 -15.18 -2.97 -8.67
N VAL A 233 -15.16 -3.74 -7.58
CA VAL A 233 -16.35 -4.03 -6.78
C VAL A 233 -16.10 -3.54 -5.37
N VAL A 234 -16.79 -2.47 -4.98
CA VAL A 234 -16.45 -1.78 -3.73
C VAL A 234 -17.71 -1.25 -3.06
N ALA A 235 -17.65 -1.06 -1.74
CA ALA A 235 -18.72 -0.40 -1.01
C ALA A 235 -18.24 1.00 -0.70
N VAL A 236 -19.02 2.00 -1.08
CA VAL A 236 -18.68 3.43 -0.85
C VAL A 236 -19.53 3.99 0.30
N ASP A 237 -18.87 4.57 1.30
CA ASP A 237 -19.62 5.17 2.44
C ASP A 237 -19.69 6.68 2.27
N LEU A 238 -20.88 7.25 2.42
CA LEU A 238 -21.10 8.68 2.27
C LEU A 238 -21.78 9.24 3.54
N PHE A 239 -21.61 10.54 3.77
CA PHE A 239 -22.27 11.24 4.86
C PHE A 239 -23.14 12.30 4.24
N GLU A 240 -24.35 12.47 4.78
CA GLU A 240 -25.16 13.65 4.48
C GLU A 240 -24.72 14.80 5.39
N SER A 241 -23.95 15.75 4.87
CA SER A 241 -23.50 16.87 5.70
C SER A 241 -24.35 18.10 5.43
N GLU A 242 -24.09 19.18 6.16
CA GLU A 242 -24.82 20.43 5.94
C GLU A 242 -24.45 21.03 4.60
N ARG A 243 -23.27 20.68 4.08
CA ARG A 243 -22.85 21.19 2.77
C ARG A 243 -23.03 20.15 1.64
N GLY A 244 -23.90 19.15 1.86
CA GLY A 244 -24.17 18.10 0.87
C GLY A 244 -23.51 16.75 1.16
N LEU A 245 -23.68 15.81 0.23
CA LEU A 245 -23.10 14.48 0.39
C LEU A 245 -21.58 14.55 0.38
N LEU A 246 -20.93 13.86 1.33
CA LEU A 246 -19.48 13.75 1.34
C LEU A 246 -19.07 12.27 1.27
N VAL A 247 -17.99 11.97 0.57
CA VAL A 247 -17.48 10.60 0.54
C VAL A 247 -16.56 10.38 1.74
N ASN A 248 -16.81 9.33 2.49
CA ASN A 248 -16.03 9.03 3.69
C ASN A 248 -14.96 7.97 3.45
N GLU A 249 -15.38 6.78 3.02
CA GLU A 249 -14.53 5.62 2.92
C GLU A 249 -14.88 4.81 1.69
N VAL A 250 -13.91 4.06 1.17
CA VAL A 250 -14.19 3.05 0.12
C VAL A 250 -13.65 1.71 0.58
N ASN A 251 -14.49 0.68 0.53
CA ASN A 251 -14.17 -0.62 1.12
C ASN A 251 -13.95 -1.65 0.01
N HIS A 252 -12.79 -2.34 0.03
CA HIS A 252 -12.41 -3.27 -1.05
C HIS A 252 -13.07 -4.64 -0.98
N THR A 253 -13.57 -5.02 0.19
CA THR A 253 -14.13 -6.37 0.37
C THR A 253 -15.51 -6.25 1.04
N MET A 254 -16.52 -5.92 0.26
CA MET A 254 -17.76 -5.47 0.87
C MET A 254 -18.59 -6.58 1.48
N GLU A 255 -19.21 -6.25 2.60
CA GLU A 255 -20.13 -7.13 3.29
C GLU A 255 -21.53 -6.73 2.89
N PHE A 256 -22.40 -7.72 2.69
CA PHE A 256 -23.71 -7.48 2.13
C PHE A 256 -24.76 -8.46 2.64
N LYS A 257 -24.41 -9.25 3.65
CA LYS A 257 -25.24 -10.41 4.04
C LYS A 257 -26.67 -10.06 4.42
N ASN A 258 -26.83 -8.93 5.12
CA ASN A 258 -28.14 -8.44 5.48
C ASN A 258 -28.73 -7.54 4.43
N SER A 259 -27.85 -6.88 3.67
CA SER A 259 -28.26 -5.89 2.69
C SER A 259 -28.98 -6.45 1.47
N VAL A 260 -28.78 -7.74 1.14
CA VAL A 260 -29.57 -8.25 0.02
C VAL A 260 -31.06 -8.25 0.38
N HIS A 261 -31.39 -8.59 1.63
CA HIS A 261 -32.77 -8.49 2.10
C HIS A 261 -33.21 -7.02 2.24
N THR A 262 -32.36 -6.17 2.79
CA THR A 262 -32.70 -4.76 2.96
C THR A 262 -33.02 -4.10 1.61
N THR A 263 -32.20 -4.35 0.59
CA THR A 263 -32.33 -3.65 -0.68
C THR A 263 -33.15 -4.43 -1.71
N GLY A 264 -33.26 -5.74 -1.53
CA GLY A 264 -33.90 -6.57 -2.55
C GLY A 264 -33.06 -6.76 -3.79
N VAL A 265 -31.77 -6.43 -3.70
CA VAL A 265 -30.89 -6.52 -4.86
C VAL A 265 -30.00 -7.75 -4.72
N ASP A 266 -29.79 -8.45 -5.82
CA ASP A 266 -28.93 -9.65 -5.84
C ASP A 266 -27.45 -9.24 -5.86
N ILE A 267 -26.95 -8.77 -4.72
CA ILE A 267 -25.57 -8.29 -4.64
C ILE A 267 -24.52 -9.39 -4.94
N PRO A 268 -24.63 -10.56 -4.30
CA PRO A 268 -23.61 -11.59 -4.64
C PRO A 268 -23.67 -12.01 -6.10
N GLY A 269 -24.87 -12.13 -6.67
CA GLY A 269 -24.98 -12.40 -8.11
C GLY A 269 -24.33 -11.35 -9.01
N GLU A 270 -24.48 -10.07 -8.65
CA GLU A 270 -23.83 -9.05 -9.45
C GLU A 270 -22.33 -9.18 -9.31
N ILE A 271 -21.85 -9.45 -8.11
CA ILE A 271 -20.39 -9.61 -7.90
C ILE A 271 -19.86 -10.76 -8.77
N LEU A 272 -20.57 -11.87 -8.75
CA LEU A 272 -20.14 -13.07 -9.50
C LEU A 272 -20.14 -12.84 -11.02
N ARG A 273 -21.17 -12.17 -11.53
CA ARG A 273 -21.25 -11.84 -12.97
CA ARG A 273 -21.24 -11.86 -12.98
C ARG A 273 -20.16 -10.91 -13.41
N TYR A 274 -19.83 -9.93 -12.55
CA TYR A 274 -18.70 -9.06 -12.83
C TYR A 274 -17.40 -9.86 -12.95
N ALA A 275 -17.16 -10.73 -12.00
CA ALA A 275 -15.91 -11.51 -11.99
C ALA A 275 -15.85 -12.41 -13.24
N TRP A 276 -16.95 -13.11 -13.51
CA TRP A 276 -16.98 -14.07 -14.63
C TRP A 276 -17.01 -13.40 -16.00
N GLU A 277 -17.79 -12.32 -16.12
CA GLU A 277 -18.07 -11.76 -17.44
C GLU A 277 -17.19 -10.58 -17.83
N VAL A 278 -16.59 -9.90 -16.86
CA VAL A 278 -15.74 -8.76 -17.21
C VAL A 278 -14.29 -8.86 -16.75
N ALA A 279 -14.06 -9.29 -15.51
CA ALA A 279 -12.68 -9.37 -14.99
C ALA A 279 -11.93 -10.53 -15.64
N ARG A 280 -12.63 -11.64 -15.87
CA ARG A 280 -12.06 -12.84 -16.43
C ARG A 280 -11.59 -12.63 -17.87
N GLY A 281 -12.30 -11.77 -18.61
CA GLY A 281 -11.91 -11.42 -19.98
C GLY A 281 -11.99 -12.58 -20.98
N MET B 1 9.87 25.42 -9.16
CA MET B 1 11.26 24.94 -8.87
C MET B 1 11.24 23.75 -7.87
N LEU B 2 12.42 23.23 -7.55
CA LEU B 2 12.57 22.02 -6.75
C LEU B 2 12.32 22.23 -5.25
N ALA B 3 11.58 21.30 -4.64
CA ALA B 3 11.58 21.16 -3.20
C ALA B 3 12.19 19.82 -2.80
N ILE B 4 13.10 19.85 -1.84
CA ILE B 4 13.66 18.64 -1.27
C ILE B 4 12.95 18.40 0.05
N LEU B 5 12.15 17.32 0.12
CA LEU B 5 11.39 16.95 1.32
C LEU B 5 12.29 16.13 2.22
N TYR B 6 12.38 16.53 3.50
CA TYR B 6 13.27 15.84 4.41
C TYR B 6 12.69 15.82 5.80
N ASP B 7 13.20 14.95 6.66
CA ASP B 7 12.90 15.03 8.09
C ASP B 7 14.15 15.19 8.95
N ARG B 8 15.15 14.34 8.72
CA ARG B 8 16.46 14.51 9.34
C ARG B 8 17.48 14.67 8.22
N ILE B 9 18.20 15.79 8.24
CA ILE B 9 19.26 16.03 7.26
C ILE B 9 20.45 15.09 7.50
N ARG B 10 20.71 14.21 6.54
CA ARG B 10 21.87 13.34 6.57
C ARG B 10 22.95 13.96 5.67
N PRO B 11 24.18 13.40 5.68
CA PRO B 11 25.18 13.93 4.73
C PRO B 11 24.69 13.88 3.26
N ASP B 12 23.86 12.88 2.93
CA ASP B 12 23.31 12.77 1.57
C ASP B 12 22.47 13.98 1.18
N GLU B 13 21.64 14.47 2.10
CA GLU B 13 20.83 15.66 1.82
C GLU B 13 21.67 16.95 1.72
N ARG B 14 22.75 17.04 2.49
CA ARG B 14 23.63 18.22 2.41
C ARG B 14 24.32 18.30 1.05
N MET B 15 24.68 17.12 0.51
CA MET B 15 25.34 17.06 -0.78
C MET B 15 24.40 17.48 -1.89
N LEU B 16 23.12 17.11 -1.74
CA LEU B 16 22.08 17.54 -2.64
C LEU B 16 21.91 19.05 -2.55
N PHE B 17 21.81 19.57 -1.32
CA PHE B 17 21.73 21.02 -1.13
C PHE B 17 22.91 21.72 -1.80
N GLU B 18 24.12 21.22 -1.53
CA GLU B 18 25.34 21.82 -2.05
C GLU B 18 25.52 21.63 -3.56
N ARG B 19 25.05 20.51 -4.13
CA ARG B 19 25.08 20.35 -5.59
C ARG B 19 24.11 21.28 -6.32
N ALA B 20 22.90 21.42 -5.77
CA ALA B 20 21.89 22.31 -6.33
C ALA B 20 22.42 23.75 -6.41
N GLU B 21 22.94 24.24 -5.28
CA GLU B 21 23.59 25.55 -5.21
C GLU B 21 24.70 25.66 -6.26
N ALA B 22 25.66 24.74 -6.22
CA ALA B 22 26.70 24.68 -7.25
C ALA B 22 26.17 24.66 -8.69
N LEU B 23 25.02 24.04 -8.91
CA LEU B 23 24.44 23.98 -10.26
C LEU B 23 23.65 25.23 -10.62
N GLY B 24 23.44 26.10 -9.62
CA GLY B 24 22.57 27.26 -9.79
C GLY B 24 21.13 26.84 -9.99
N LEU B 25 20.73 25.76 -9.32
CA LEU B 25 19.37 25.24 -9.42
C LEU B 25 18.55 25.83 -8.27
N PRO B 26 17.46 26.57 -8.61
CA PRO B 26 16.59 27.11 -7.56
C PRO B 26 15.86 25.99 -6.82
N TYR B 27 15.96 26.00 -5.49
CA TYR B 27 15.35 24.96 -4.68
C TYR B 27 15.01 25.46 -3.29
N LYS B 28 14.08 24.78 -2.64
CA LYS B 28 13.90 24.96 -1.20
C LYS B 28 13.88 23.63 -0.46
N LYS B 29 14.28 23.69 0.81
CA LYS B 29 14.19 22.53 1.67
C LYS B 29 12.85 22.61 2.40
N VAL B 30 12.15 21.49 2.47
CA VAL B 30 10.83 21.47 3.09
C VAL B 30 10.87 20.42 4.19
N TYR B 31 10.70 20.90 5.42
CA TYR B 31 10.73 20.05 6.60
C TYR B 31 9.35 19.44 6.78
N VAL B 32 9.22 18.19 6.35
CA VAL B 32 7.92 17.48 6.33
C VAL B 32 7.20 17.41 7.67
N PRO B 33 7.92 17.10 8.77
CA PRO B 33 7.15 17.07 10.02
C PRO B 33 6.38 18.36 10.33
N ALA B 34 6.81 19.51 9.80
CA ALA B 34 6.09 20.76 10.02
C ALA B 34 5.23 21.19 8.83
N LEU B 35 5.28 20.45 7.73
CA LEU B 35 4.48 20.78 6.54
C LEU B 35 3.01 20.52 6.80
N PRO B 36 2.16 21.56 6.73
CA PRO B 36 0.72 21.34 6.88
C PRO B 36 0.17 20.57 5.66
N MET B 37 -0.39 19.38 5.89
CA MET B 37 -0.88 18.54 4.80
C MET B 37 -2.40 18.40 4.89
N VAL B 38 -3.08 19.49 4.57
CA VAL B 38 -4.51 19.53 4.58
C VAL B 38 -4.93 19.43 3.13
N LEU B 39 -5.71 18.41 2.84
CA LEU B 39 -6.23 18.23 1.49
C LEU B 39 -7.11 19.43 1.09
N GLY B 40 -6.79 20.00 -0.06
CA GLY B 40 -7.54 21.16 -0.54
C GLY B 40 -6.95 22.50 -0.13
N GLU B 41 -5.90 22.50 0.70
CA GLU B 41 -5.22 23.74 1.12
C GLU B 41 -3.74 23.67 0.79
N ARG B 42 -3.31 24.22 -0.35
CA ARG B 42 -1.86 24.19 -0.63
C ARG B 42 -1.13 25.00 0.42
N PRO B 43 -0.12 24.42 1.04
CA PRO B 43 0.61 25.17 2.07
C PRO B 43 1.59 26.19 1.47
N GLU B 44 1.86 27.26 2.21
CA GLU B 44 2.81 28.30 1.79
C GLU B 44 4.17 27.72 1.36
N ALA B 45 4.67 26.75 2.12
CA ALA B 45 5.97 26.13 1.86
C ALA B 45 6.13 25.51 0.47
N LEU B 46 4.99 25.22 -0.18
CA LEU B 46 5.00 24.58 -1.48
C LEU B 46 4.63 25.54 -2.63
N GLU B 47 4.50 26.83 -2.32
CA GLU B 47 4.24 27.82 -3.38
C GLU B 47 5.35 27.85 -4.42
N GLY B 48 4.96 27.79 -5.69
CA GLY B 48 5.91 27.80 -6.82
C GLY B 48 6.76 26.54 -7.00
N VAL B 49 6.48 25.51 -6.21
CA VAL B 49 7.19 24.21 -6.34
C VAL B 49 6.70 23.41 -7.55
N THR B 50 7.62 23.05 -8.45
CA THR B 50 7.25 22.36 -9.68
C THR B 50 7.69 20.89 -9.71
N VAL B 51 8.50 20.49 -8.74
CA VAL B 51 8.92 19.10 -8.61
C VAL B 51 9.44 18.90 -7.19
N ALA B 52 9.30 17.69 -6.66
CA ALA B 52 9.87 17.38 -5.35
C ALA B 52 10.72 16.13 -5.34
N LEU B 53 11.76 16.20 -4.53
CA LEU B 53 12.61 15.06 -4.24
C LEU B 53 12.30 14.60 -2.81
N GLU B 54 11.81 13.37 -2.71
CA GLU B 54 11.39 12.81 -1.44
C GLU B 54 12.64 12.21 -0.77
N ARG B 55 13.09 12.85 0.30
CA ARG B 55 14.32 12.40 0.95
C ARG B 55 14.16 12.11 2.46
N CYS B 56 12.94 11.80 2.90
CA CYS B 56 12.71 11.51 4.32
C CYS B 56 13.40 10.21 4.76
N VAL B 57 13.94 10.20 5.97
CA VAL B 57 14.49 8.97 6.55
C VAL B 57 13.35 7.99 6.87
N SER B 58 12.26 8.50 7.43
CA SER B 58 11.06 7.66 7.68
C SER B 58 10.35 7.39 6.37
N GLN B 59 10.21 6.12 5.98
CA GLN B 59 9.52 5.81 4.73
C GLN B 59 8.01 6.03 4.78
N SER B 60 7.38 5.83 5.94
CA SER B 60 5.95 6.03 6.01
C SER B 60 5.64 7.55 5.95
N ARG B 61 6.47 8.37 6.57
CA ARG B 61 6.32 9.83 6.45
C ARG B 61 6.56 10.24 4.99
N GLY B 62 7.62 9.71 4.40
CA GLY B 62 7.99 10.03 3.05
C GLY B 62 6.91 9.68 2.05
N LEU B 63 6.32 8.49 2.19
CA LEU B 63 5.20 8.07 1.35
C LEU B 63 3.99 8.98 1.50
N ALA B 64 3.62 9.28 2.74
CA ALA B 64 2.49 10.15 3.01
C ALA B 64 2.68 11.51 2.33
N ALA B 65 3.87 12.07 2.46
CA ALA B 65 4.17 13.38 1.85
C ALA B 65 4.14 13.28 0.33
N ALA B 66 4.68 12.19 -0.22
CA ALA B 66 4.65 12.00 -1.66
C ALA B 66 3.22 11.98 -2.20
N ARG B 67 2.34 11.25 -1.53
CA ARG B 67 0.90 11.23 -1.92
C ARG B 67 0.31 12.64 -1.90
N TYR B 68 0.59 13.38 -0.82
CA TYR B 68 0.09 14.74 -0.69
C TYR B 68 0.51 15.63 -1.88
N LEU B 69 1.78 15.56 -2.24
CA LEU B 69 2.29 16.37 -3.33
C LEU B 69 1.63 15.96 -4.64
N THR B 70 1.34 14.68 -4.84
CA THR B 70 0.59 14.29 -6.04
C THR B 70 -0.81 14.87 -6.09
N ALA B 71 -1.47 14.99 -4.93
CA ALA B 71 -2.78 15.64 -4.92
C ALA B 71 -2.68 17.12 -5.31
N LEU B 72 -1.50 17.72 -5.11
CA LEU B 72 -1.25 19.10 -5.45
C LEU B 72 -0.80 19.29 -6.91
N GLY B 73 -0.70 18.19 -7.65
CA GLY B 73 -0.21 18.22 -9.04
C GLY B 73 1.29 18.50 -9.14
N ILE B 74 2.05 18.20 -8.08
CA ILE B 74 3.49 18.32 -8.10
C ILE B 74 4.09 16.93 -8.30
N PRO B 75 4.87 16.74 -9.39
CA PRO B 75 5.52 15.47 -9.62
C PRO B 75 6.53 15.24 -8.48
N VAL B 76 6.63 14.01 -8.00
CA VAL B 76 7.53 13.66 -6.89
C VAL B 76 8.43 12.54 -7.34
N VAL B 77 9.69 12.63 -6.96
CA VAL B 77 10.70 11.60 -7.21
C VAL B 77 11.06 11.00 -5.82
N ASN B 78 10.66 9.75 -5.51
CA ASN B 78 9.89 8.87 -6.36
C ASN B 78 8.38 9.02 -6.20
N ARG B 79 7.63 8.54 -7.20
CA ARG B 79 6.16 8.55 -7.15
C ARG B 79 5.69 7.64 -6.01
N PRO B 80 4.50 7.93 -5.41
CA PRO B 80 3.99 7.05 -4.33
C PRO B 80 3.93 5.58 -4.72
N GLU B 81 3.54 5.29 -5.97
CA GLU B 81 3.43 3.90 -6.45
C GLU B 81 4.77 3.17 -6.35
N VAL B 82 5.84 3.89 -6.65
CA VAL B 82 7.22 3.34 -6.63
C VAL B 82 7.70 3.12 -5.20
N ILE B 83 7.44 4.10 -4.34
CA ILE B 83 7.75 3.98 -2.92
C ILE B 83 7.03 2.79 -2.30
N GLU B 84 5.73 2.70 -2.55
CA GLU B 84 4.91 1.58 -2.08
C GLU B 84 5.47 0.24 -2.51
N ALA B 85 5.75 0.12 -3.81
CA ALA B 85 6.23 -1.12 -4.39
C ALA B 85 7.60 -1.52 -3.82
N CYS B 86 8.50 -0.55 -3.70
CA CYS B 86 9.84 -0.83 -3.14
C CYS B 86 9.81 -1.18 -1.65
N GLY B 87 8.85 -0.64 -0.91
CA GLY B 87 8.81 -0.79 0.55
C GLY B 87 8.28 -2.12 1.04
N ASP B 88 7.66 -2.88 0.16
CA ASP B 88 7.06 -4.18 0.50
C ASP B 88 7.82 -5.23 -0.32
N LYS B 89 8.59 -6.12 0.33
CA LYS B 89 9.41 -7.10 -0.42
C LYS B 89 8.57 -8.08 -1.23
N TRP B 90 7.33 -8.33 -0.81
CA TRP B 90 6.45 -9.21 -1.58
C TRP B 90 5.93 -8.49 -2.83
N ALA B 91 5.56 -7.22 -2.67
CA ALA B 91 5.21 -6.35 -3.83
C ALA B 91 6.39 -6.27 -4.82
N THR B 92 7.60 -6.07 -4.29
CA THR B 92 8.78 -6.02 -5.17
C THR B 92 8.97 -7.35 -5.89
N SER B 93 8.96 -8.46 -5.15
CA SER B 93 9.23 -9.77 -5.76
C SER B 93 8.20 -10.16 -6.82
N VAL B 94 6.93 -9.82 -6.56
CA VAL B 94 5.84 -10.01 -7.50
C VAL B 94 6.07 -9.15 -8.77
N ALA B 95 6.44 -7.88 -8.61
CA ALA B 95 6.73 -7.02 -9.77
C ALA B 95 7.91 -7.58 -10.60
N LEU B 96 8.95 -8.07 -9.91
CA LEU B 96 10.09 -8.69 -10.57
C LEU B 96 9.72 -9.95 -11.34
N ALA B 97 8.89 -10.80 -10.73
CA ALA B 97 8.39 -12.00 -11.38
C ALA B 97 7.60 -11.66 -12.67
N LYS B 98 6.74 -10.66 -12.57
CA LYS B 98 5.91 -10.23 -13.70
C LYS B 98 6.72 -9.60 -14.85
N ALA B 99 7.85 -8.99 -14.51
CA ALA B 99 8.78 -8.43 -15.47
C ALA B 99 9.76 -9.47 -16.02
N GLY B 100 9.68 -10.70 -15.50
CA GLY B 100 10.56 -11.80 -15.92
C GLY B 100 12.01 -11.67 -15.49
N LEU B 101 12.25 -10.94 -14.41
CA LEU B 101 13.60 -10.68 -13.95
C LEU B 101 14.08 -11.74 -12.98
N PRO B 102 15.39 -12.08 -13.05
CA PRO B 102 15.91 -13.15 -12.18
C PRO B 102 15.94 -12.72 -10.73
N GLN B 103 15.57 -13.64 -9.85
CA GLN B 103 15.62 -13.39 -8.42
C GLN B 103 15.74 -14.74 -7.69
N PRO B 104 16.16 -14.72 -6.41
CA PRO B 104 16.16 -15.99 -5.70
C PRO B 104 14.76 -16.59 -5.65
N LYS B 105 14.66 -17.91 -5.53
CA LYS B 105 13.37 -18.56 -5.39
C LYS B 105 12.73 -17.99 -4.12
N THR B 106 11.48 -17.56 -4.25
CA THR B 106 10.81 -16.72 -3.23
C THR B 106 9.36 -17.15 -3.05
N ALA B 107 8.87 -17.17 -1.82
CA ALA B 107 7.50 -17.59 -1.54
C ALA B 107 6.97 -16.81 -0.36
N LEU B 108 5.65 -16.69 -0.31
CA LEU B 108 4.98 -16.11 0.83
C LEU B 108 4.05 -17.15 1.46
N ALA B 109 4.06 -17.22 2.78
CA ALA B 109 3.01 -17.94 3.48
C ALA B 109 2.33 -16.98 4.46
N THR B 110 1.06 -17.21 4.73
CA THR B 110 0.32 -16.35 5.66
C THR B 110 0.01 -17.04 6.97
N ASP B 111 0.54 -18.24 7.14
CA ASP B 111 0.21 -19.15 8.26
C ASP B 111 1.46 -19.93 8.60
N ARG B 112 1.70 -20.12 9.91
CA ARG B 112 2.90 -20.79 10.42
C ARG B 112 3.12 -22.19 9.92
N GLU B 113 2.06 -22.98 9.83
CA GLU B 113 2.24 -24.39 9.42
C GLU B 113 2.59 -24.47 7.96
N GLU B 114 1.97 -23.63 7.13
CA GLU B 114 2.32 -23.65 5.70
C GLU B 114 3.72 -23.09 5.51
N ALA B 115 4.08 -22.07 6.30
CA ALA B 115 5.42 -21.47 6.21
C ALA B 115 6.46 -22.52 6.54
N LEU B 116 6.16 -23.34 7.54
CA LEU B 116 7.07 -24.39 7.95
C LEU B 116 7.20 -25.48 6.88
N ARG B 117 6.05 -25.85 6.28
CA ARG B 117 6.02 -26.80 5.18
C ARG B 117 6.85 -26.30 3.98
N LEU B 118 6.72 -25.02 3.64
CA LEU B 118 7.49 -24.41 2.57
C LEU B 118 8.98 -24.39 2.88
N MET B 119 9.35 -24.04 4.12
CA MET B 119 10.76 -23.97 4.46
C MET B 119 11.41 -25.35 4.29
N GLU B 120 10.66 -26.35 4.72
CA GLU B 120 11.03 -27.75 4.63
C GLU B 120 11.22 -28.17 3.16
N ALA B 121 10.34 -27.74 2.26
CA ALA B 121 10.49 -28.03 0.82
C ALA B 121 11.62 -27.27 0.12
N PHE B 122 11.91 -26.05 0.59
CA PHE B 122 13.09 -25.31 0.12
C PHE B 122 14.36 -26.01 0.56
N GLY B 123 14.34 -26.59 1.75
CA GLY B 123 15.52 -27.20 2.39
C GLY B 123 16.36 -26.16 3.10
N TYR B 124 16.98 -26.56 4.21
CA TYR B 124 17.81 -25.69 5.01
C TYR B 124 19.25 -25.68 4.49
N PRO B 125 19.93 -24.51 4.52
CA PRO B 125 19.44 -23.25 5.09
C PRO B 125 18.49 -22.49 4.15
N VAL B 126 17.65 -21.66 4.74
CA VAL B 126 16.65 -20.87 4.00
C VAL B 126 16.57 -19.54 4.71
N VAL B 127 16.26 -18.47 3.97
CA VAL B 127 16.20 -17.14 4.54
C VAL B 127 14.75 -16.73 4.82
N LEU B 128 14.52 -16.16 6.00
CA LEU B 128 13.23 -15.59 6.38
C LEU B 128 13.41 -14.10 6.53
N LYS B 129 12.55 -13.31 5.90
CA LYS B 129 12.61 -11.86 5.95
C LYS B 129 11.27 -11.27 6.40
N PRO B 130 11.28 -10.12 7.07
CA PRO B 130 10.03 -9.39 7.24
C PRO B 130 9.67 -8.75 5.88
N VAL B 131 8.39 -8.64 5.55
CA VAL B 131 7.98 -8.09 4.23
C VAL B 131 8.17 -6.57 4.21
N ILE B 132 8.04 -5.94 5.38
CA ILE B 132 8.19 -4.50 5.52
C ILE B 132 9.47 -4.16 6.26
N GLY B 133 10.33 -3.39 5.58
CA GLY B 133 11.68 -3.01 6.03
C GLY B 133 11.86 -2.66 7.50
N SER B 134 13.11 -2.80 7.95
CA SER B 134 13.41 -2.93 9.38
C SER B 134 14.26 -1.82 10.07
N TRP B 135 15.33 -1.29 9.46
CA TRP B 135 15.64 -1.29 8.03
C TRP B 135 16.24 -2.59 7.50
N GLY B 136 16.93 -3.34 8.38
CA GLY B 136 17.50 -4.65 8.03
C GLY B 136 17.55 -5.64 9.18
N ARG B 137 16.91 -5.28 10.30
CA ARG B 137 17.02 -5.99 11.59
C ARG B 137 16.74 -7.50 11.54
N LEU B 138 15.50 -7.86 11.23
CA LEU B 138 14.93 -9.16 11.54
C LEU B 138 15.23 -10.30 10.57
N LEU B 139 16.15 -10.12 9.64
CA LEU B 139 16.44 -11.16 8.67
C LEU B 139 17.16 -12.33 9.32
N ALA B 140 16.72 -13.55 9.03
CA ALA B 140 17.35 -14.72 9.62
C ALA B 140 17.74 -15.74 8.56
N LYS B 141 18.95 -16.29 8.70
CA LYS B 141 19.35 -17.46 7.95
C LYS B 141 18.97 -18.63 8.84
N VAL B 142 17.96 -19.38 8.44
CA VAL B 142 17.53 -20.46 9.30
C VAL B 142 18.02 -21.82 8.85
N THR B 143 18.69 -22.50 9.77
CA THR B 143 19.47 -23.69 9.41
C THR B 143 18.83 -25.02 9.77
N ASP B 144 17.73 -24.98 10.53
CA ASP B 144 16.93 -26.20 10.85
C ASP B 144 15.48 -25.91 11.29
N ARG B 145 14.69 -26.97 11.44
CA ARG B 145 13.26 -26.88 11.78
C ARG B 145 12.99 -26.21 13.13
N ALA B 146 13.82 -26.51 14.13
CA ALA B 146 13.60 -25.98 15.47
C ALA B 146 13.76 -24.46 15.46
N ALA B 147 14.79 -23.98 14.76
CA ALA B 147 14.99 -22.55 14.62
C ALA B 147 13.83 -21.94 13.85
N ALA B 148 13.41 -22.61 12.78
CA ALA B 148 12.26 -22.17 11.96
C ALA B 148 10.99 -22.05 12.79
N GLU B 149 10.67 -23.12 13.54
CA GLU B 149 9.48 -23.13 14.41
C GLU B 149 9.42 -21.98 15.40
N ALA B 150 10.54 -21.71 16.06
CA ALA B 150 10.63 -20.65 17.07
C ALA B 150 10.54 -19.25 16.48
N LEU B 151 11.26 -19.02 15.38
CA LEU B 151 11.20 -17.71 14.73
C LEU B 151 9.79 -17.41 14.22
N LEU B 152 9.10 -18.40 13.63
CA LEU B 152 7.76 -18.21 13.10
C LEU B 152 6.76 -17.89 14.22
N GLU B 153 6.88 -18.62 15.34
CA GLU B 153 6.07 -18.33 16.51
C GLU B 153 6.36 -16.92 17.06
N HIS B 154 7.65 -16.52 17.16
CA HIS B 154 7.97 -15.18 17.65
C HIS B 154 7.39 -14.08 16.79
N LYS B 155 7.55 -14.20 15.47
CA LYS B 155 6.92 -13.28 14.52
C LYS B 155 5.43 -13.21 14.76
N GLU B 156 4.76 -14.35 14.80
CA GLU B 156 3.31 -14.38 14.95
C GLU B 156 2.84 -13.79 16.29
N VAL B 157 3.39 -14.32 17.38
CA VAL B 157 2.96 -13.95 18.74
C VAL B 157 3.33 -12.51 19.11
N LEU B 158 4.56 -12.11 18.82
CA LEU B 158 5.07 -10.80 19.23
C LEU B 158 4.87 -9.68 18.22
N GLY B 159 4.82 -10.05 16.93
CA GLY B 159 4.86 -9.03 15.87
C GLY B 159 3.48 -8.53 15.48
N GLY B 160 3.44 -7.34 14.87
CA GLY B 160 2.19 -6.82 14.26
C GLY B 160 1.73 -7.77 13.16
N PHE B 161 0.51 -7.55 12.64
CA PHE B 161 -0.02 -8.42 11.57
C PHE B 161 0.93 -8.41 10.36
N GLN B 162 1.70 -7.33 10.25
CA GLN B 162 2.77 -7.21 9.26
C GLN B 162 3.74 -8.39 9.32
N HIS B 163 4.01 -8.88 10.55
CA HIS B 163 4.90 -10.02 10.76
C HIS B 163 4.22 -11.39 10.60
N GLN B 164 2.91 -11.36 10.30
CA GLN B 164 2.13 -12.55 9.98
C GLN B 164 2.21 -12.96 8.49
N LEU B 165 2.93 -12.15 7.70
CA LEU B 165 3.25 -12.53 6.35
C LEU B 165 4.68 -13.06 6.37
N PHE B 166 4.87 -14.32 5.96
CA PHE B 166 6.15 -14.97 6.10
C PHE B 166 6.84 -15.04 4.75
N TYR B 167 7.90 -14.26 4.60
CA TYR B 167 8.62 -14.13 3.33
C TYR B 167 9.81 -15.09 3.37
N ILE B 168 9.73 -16.12 2.55
CA ILE B 168 10.70 -17.20 2.54
C ILE B 168 11.49 -17.14 1.23
N GLN B 169 12.81 -17.23 1.34
CA GLN B 169 13.66 -17.15 0.16
C GLN B 169 14.81 -18.18 0.18
N GLU B 170 15.13 -18.74 -0.98
CA GLU B 170 16.26 -19.66 -1.07
C GLU B 170 17.51 -18.95 -0.60
N TYR B 171 18.33 -19.67 0.16
CA TYR B 171 19.63 -19.18 0.55
C TYR B 171 20.56 -19.23 -0.66
N VAL B 172 21.15 -18.08 -0.99
CA VAL B 172 21.97 -17.99 -2.17
C VAL B 172 23.43 -17.96 -1.74
N GLU B 173 24.19 -18.94 -2.21
CA GLU B 173 25.64 -18.96 -2.02
C GLU B 173 26.26 -17.95 -3.00
N LYS B 174 27.08 -17.04 -2.48
CA LYS B 174 27.61 -15.91 -3.24
C LYS B 174 28.94 -15.44 -2.61
N PRO B 175 29.70 -14.58 -3.32
CA PRO B 175 31.11 -14.35 -2.90
C PRO B 175 31.32 -13.35 -1.73
N GLY B 176 30.54 -13.47 -0.66
CA GLY B 176 30.71 -12.63 0.54
C GLY B 176 30.70 -11.13 0.25
N ARG B 177 29.78 -10.72 -0.63
CA ARG B 177 29.56 -9.32 -0.97
C ARG B 177 28.26 -9.24 -1.75
N ASP B 178 27.74 -8.04 -1.90
CA ASP B 178 26.63 -7.81 -2.82
C ASP B 178 27.01 -6.66 -3.72
N ILE B 179 26.24 -6.49 -4.79
CA ILE B 179 26.37 -5.34 -5.66
C ILE B 179 25.16 -4.42 -5.46
N ARG B 180 25.43 -3.14 -5.17
CA ARG B 180 24.38 -2.12 -5.14
C ARG B 180 24.52 -1.20 -6.34
N VAL B 181 23.48 -1.10 -7.17
CA VAL B 181 23.51 -0.28 -8.39
C VAL B 181 22.63 0.96 -8.23
N PHE B 182 23.20 2.13 -8.51
CA PHE B 182 22.43 3.37 -8.49
C PHE B 182 21.83 3.61 -9.86
N VAL B 183 20.49 3.61 -9.91
CA VAL B 183 19.75 3.77 -11.16
C VAL B 183 19.03 5.11 -11.12
N VAL B 184 19.20 5.87 -12.19
CA VAL B 184 18.52 7.16 -12.36
C VAL B 184 17.80 7.08 -13.70
N GLY B 185 16.48 6.92 -13.65
CA GLY B 185 15.67 6.76 -14.86
C GLY B 185 15.99 5.49 -15.64
N GLU B 186 16.34 5.65 -16.92
CA GLU B 186 16.68 4.50 -17.76
C GLU B 186 18.17 4.16 -17.72
N ARG B 187 18.93 4.75 -16.79
CA ARG B 187 20.38 4.52 -16.77
C ARG B 187 20.93 4.09 -15.42
N ALA B 188 21.77 3.06 -15.44
CA ALA B 188 22.59 2.75 -14.28
C ALA B 188 23.81 3.66 -14.32
N ILE B 189 24.00 4.46 -13.28
CA ILE B 189 25.02 5.50 -13.30
C ILE B 189 26.29 5.12 -12.53
N ALA B 190 26.18 4.13 -11.65
CA ALA B 190 27.28 3.77 -10.76
C ALA B 190 26.90 2.52 -9.96
N ALA B 191 27.93 1.85 -9.45
CA ALA B 191 27.72 0.67 -8.60
C ALA B 191 28.85 0.47 -7.61
N ILE B 192 28.52 -0.18 -6.50
CA ILE B 192 29.49 -0.52 -5.48
C ILE B 192 29.38 -2.00 -5.10
N TYR B 193 30.47 -2.57 -4.57
CA TYR B 193 30.43 -3.83 -3.83
C TYR B 193 30.37 -3.47 -2.38
N ARG B 194 29.47 -4.12 -1.63
CA ARG B 194 29.41 -3.89 -0.19
C ARG B 194 29.43 -5.18 0.62
N GLN B 208 34.44 -0.42 4.00
CA GLN B 208 35.30 -0.99 2.95
C GLN B 208 34.57 -1.34 1.65
N ALA B 209 33.55 -0.55 1.31
CA ALA B 209 32.86 -0.70 0.03
C ALA B 209 33.78 -0.25 -1.10
N GLU B 210 33.88 -1.05 -2.17
CA GLU B 210 34.66 -0.63 -3.34
C GLU B 210 33.81 -0.38 -4.56
N ASN B 211 34.34 0.43 -5.46
CA ASN B 211 33.71 0.69 -6.74
C ASN B 211 33.46 -0.61 -7.46
N CYS B 212 32.30 -0.70 -8.09
CA CYS B 212 31.98 -1.81 -8.98
C CYS B 212 31.72 -1.22 -10.36
N PRO B 213 32.73 -1.29 -11.27
CA PRO B 213 32.56 -0.82 -12.64
C PRO B 213 31.31 -1.43 -13.28
N LEU B 214 30.54 -0.61 -13.99
CA LEU B 214 29.34 -1.11 -14.66
C LEU B 214 29.70 -2.07 -15.78
N THR B 215 28.86 -3.10 -15.93
CA THR B 215 28.93 -4.02 -17.05
C THR B 215 27.57 -4.03 -17.70
N GLU B 216 27.48 -4.69 -18.85
CA GLU B 216 26.21 -4.86 -19.56
C GLU B 216 25.16 -5.60 -18.74
N GLU B 217 25.58 -6.66 -18.05
CA GLU B 217 24.69 -7.47 -17.24
C GLU B 217 24.15 -6.67 -16.05
N ILE B 218 25.03 -5.98 -15.34
CA ILE B 218 24.62 -5.13 -14.22
C ILE B 218 23.64 -4.03 -14.68
N ALA B 219 24.01 -3.31 -15.76
CA ALA B 219 23.16 -2.22 -16.30
C ALA B 219 21.76 -2.70 -16.73
N ARG B 220 21.73 -3.80 -17.48
CA ARG B 220 20.47 -4.31 -18.02
C ARG B 220 19.48 -4.74 -16.93
N LEU B 221 19.98 -5.50 -15.96
CA LEU B 221 19.15 -6.08 -14.91
C LEU B 221 18.67 -5.04 -13.90
N SER B 222 19.54 -4.07 -13.59
CA SER B 222 19.22 -2.98 -12.67
C SER B 222 18.17 -2.03 -13.22
N VAL B 223 18.39 -1.51 -14.44
CA VAL B 223 17.36 -0.69 -15.08
C VAL B 223 16.03 -1.48 -15.22
N GLY B 224 16.12 -2.76 -15.61
CA GLY B 224 14.93 -3.61 -15.67
C GLY B 224 14.16 -3.70 -14.33
N ALA B 225 14.90 -3.93 -13.24
CA ALA B 225 14.31 -3.96 -11.88
C ALA B 225 13.69 -2.60 -11.51
N ALA B 226 14.35 -1.51 -11.87
CA ALA B 226 13.82 -0.17 -11.56
C ALA B 226 12.52 0.07 -12.31
N GLU B 227 12.49 -0.33 -13.58
CA GLU B 227 11.27 -0.21 -14.39
C GLU B 227 10.14 -1.09 -13.87
N ALA B 228 10.50 -2.30 -13.41
CA ALA B 228 9.51 -3.22 -12.88
C ALA B 228 8.72 -2.63 -11.71
N VAL B 229 9.35 -1.79 -10.91
CA VAL B 229 8.66 -1.21 -9.74
C VAL B 229 8.05 0.16 -10.06
N GLY B 230 8.20 0.62 -11.30
CA GLY B 230 7.48 1.78 -11.80
C GLY B 230 8.40 2.90 -12.28
N GLY B 231 9.71 2.72 -12.10
CA GLY B 231 10.68 3.64 -12.68
C GLY B 231 11.01 4.79 -11.75
N GLY B 232 12.25 5.28 -11.81
CA GLY B 232 12.65 6.45 -11.04
C GLY B 232 14.09 6.42 -10.62
N VAL B 233 14.33 6.89 -9.39
CA VAL B 233 15.66 6.98 -8.80
C VAL B 233 15.70 5.99 -7.65
N VAL B 234 16.38 4.88 -7.87
CA VAL B 234 16.36 3.76 -6.93
C VAL B 234 17.74 3.11 -6.88
N ALA B 235 18.06 2.49 -5.75
CA ALA B 235 19.22 1.58 -5.65
C ALA B 235 18.78 0.12 -5.77
N VAL B 236 19.41 -0.63 -6.67
CA VAL B 236 19.08 -2.04 -6.85
C VAL B 236 20.20 -2.93 -6.29
N ASP B 237 19.84 -3.87 -5.43
CA ASP B 237 20.80 -4.81 -4.88
C ASP B 237 20.75 -6.12 -5.64
N LEU B 238 21.93 -6.60 -6.03
CA LEU B 238 22.08 -7.81 -6.83
C LEU B 238 22.95 -8.84 -6.11
N PHE B 239 22.69 -10.12 -6.34
CA PHE B 239 23.53 -11.20 -5.83
C PHE B 239 24.29 -11.79 -7.00
N GLU B 240 25.57 -12.05 -6.82
CA GLU B 240 26.33 -12.79 -7.84
C GLU B 240 26.24 -14.29 -7.54
N SER B 241 25.22 -14.94 -8.09
CA SER B 241 25.00 -16.36 -7.87
C SER B 241 25.66 -17.22 -8.96
N GLU B 242 25.67 -18.53 -8.74
CA GLU B 242 26.27 -19.47 -9.71
C GLU B 242 25.38 -19.60 -10.94
N ARG B 243 24.15 -19.10 -10.83
CA ARG B 243 23.28 -19.08 -11.99
C ARG B 243 23.06 -17.70 -12.62
N GLY B 244 23.86 -16.73 -12.21
CA GLY B 244 23.79 -15.41 -12.78
C GLY B 244 23.46 -14.37 -11.73
N LEU B 245 23.38 -13.13 -12.16
CA LEU B 245 23.00 -12.05 -11.24
C LEU B 245 21.52 -12.15 -10.88
N LEU B 246 21.21 -12.04 -9.58
CA LEU B 246 19.84 -12.17 -9.09
C LEU B 246 19.43 -10.88 -8.38
N VAL B 247 18.22 -10.38 -8.66
CA VAL B 247 17.75 -9.16 -7.99
C VAL B 247 17.30 -9.50 -6.58
N ASN B 248 17.82 -8.79 -5.60
CA ASN B 248 17.44 -9.02 -4.20
C ASN B 248 16.36 -8.03 -3.74
N GLU B 249 16.63 -6.75 -3.93
CA GLU B 249 15.74 -5.69 -3.45
C GLU B 249 15.92 -4.42 -4.28
N VAL B 250 14.90 -3.57 -4.21
CA VAL B 250 14.93 -2.26 -4.84
C VAL B 250 14.58 -1.23 -3.79
N ASN B 251 15.43 -0.24 -3.64
CA ASN B 251 15.31 0.70 -2.53
C ASN B 251 14.86 2.04 -3.08
N HIS B 252 13.80 2.64 -2.55
CA HIS B 252 13.25 3.89 -3.11
C HIS B 252 13.99 5.18 -2.72
N THR B 253 14.78 5.17 -1.65
CA THR B 253 15.48 6.39 -1.21
C THR B 253 16.96 6.12 -1.01
N MET B 254 17.74 6.24 -2.08
CA MET B 254 19.12 5.78 -2.00
C MET B 254 20.06 6.68 -1.20
N GLU B 255 20.97 6.04 -0.48
CA GLU B 255 22.04 6.74 0.20
C GLU B 255 23.31 6.60 -0.65
N PHE B 256 24.06 7.68 -0.75
CA PHE B 256 25.16 7.76 -1.72
C PHE B 256 26.32 8.61 -1.21
N LYS B 257 26.26 9.04 0.05
CA LYS B 257 27.26 9.97 0.59
C LYS B 257 28.72 9.51 0.30
N ASN B 258 29.02 8.27 0.66
CA ASN B 258 30.36 7.72 0.47
C ASN B 258 30.61 7.29 -0.97
N SER B 259 29.58 6.75 -1.61
CA SER B 259 29.67 6.22 -2.97
C SER B 259 29.98 7.25 -4.05
N VAL B 260 29.79 8.53 -3.74
CA VAL B 260 30.21 9.58 -4.67
C VAL B 260 31.74 9.53 -4.75
N HIS B 261 32.39 9.44 -3.61
CA HIS B 261 33.84 9.24 -3.56
C HIS B 261 34.24 7.86 -4.15
N THR B 262 33.66 6.78 -3.62
CA THR B 262 33.96 5.42 -4.09
C THR B 262 33.87 5.23 -5.61
N THR B 263 32.82 5.74 -6.23
CA THR B 263 32.59 5.52 -7.66
C THR B 263 33.14 6.64 -8.54
N GLY B 264 33.32 7.81 -7.93
CA GLY B 264 33.70 9.01 -8.70
C GLY B 264 32.62 9.49 -9.65
N VAL B 265 31.38 9.14 -9.36
CA VAL B 265 30.22 9.56 -10.17
C VAL B 265 29.46 10.65 -9.43
N ASP B 266 28.96 11.64 -10.17
CA ASP B 266 28.18 12.73 -9.59
C ASP B 266 26.75 12.25 -9.36
N ILE B 267 26.58 11.39 -8.37
CA ILE B 267 25.26 10.83 -8.07
C ILE B 267 24.21 11.93 -7.79
N PRO B 268 24.52 12.88 -6.88
CA PRO B 268 23.53 13.94 -6.60
C PRO B 268 23.21 14.79 -7.85
N GLY B 269 24.20 15.06 -8.69
CA GLY B 269 23.96 15.80 -9.92
C GLY B 269 22.99 15.10 -10.85
N GLU B 270 23.18 13.79 -11.00
CA GLU B 270 22.34 12.96 -11.83
C GLU B 270 20.89 12.92 -11.30
N ILE B 271 20.75 12.85 -9.97
CA ILE B 271 19.43 12.85 -9.32
C ILE B 271 18.69 14.16 -9.60
N LEU B 272 19.38 15.28 -9.36
CA LEU B 272 18.79 16.60 -9.62
C LEU B 272 18.46 16.87 -11.10
N ARG B 273 19.32 16.41 -12.02
CA ARG B 273 19.06 16.50 -13.47
CA ARG B 273 19.04 16.54 -13.45
C ARG B 273 17.77 15.75 -13.80
N TYR B 274 17.65 14.56 -13.22
CA TYR B 274 16.45 13.74 -13.40
C TYR B 274 15.20 14.44 -12.89
N ALA B 275 15.28 15.00 -11.69
CA ALA B 275 14.19 15.74 -11.08
C ALA B 275 13.75 16.92 -11.98
N TRP B 276 14.74 17.58 -12.57
CA TRP B 276 14.48 18.69 -13.49
C TRP B 276 13.67 18.26 -14.73
N GLU B 277 13.97 17.09 -15.31
CA GLU B 277 13.17 16.58 -16.44
CA GLU B 277 13.18 16.56 -16.44
C GLU B 277 11.77 16.13 -15.98
N VAL B 278 11.69 15.52 -14.80
CA VAL B 278 10.41 15.10 -14.24
C VAL B 278 9.46 16.28 -14.00
N ALA B 279 10.03 17.46 -13.72
CA ALA B 279 9.26 18.70 -13.52
C ALA B 279 8.33 19.08 -14.68
N ARG B 280 8.65 18.62 -15.88
CA ARG B 280 7.86 18.89 -17.09
C ARG B 280 6.43 18.31 -17.13
N GLY B 281 6.17 17.26 -16.34
CA GLY B 281 4.90 16.52 -16.42
C GLY B 281 4.96 15.38 -17.44
#